data_3UZP
#
_entry.id   3UZP
#
_cell.length_a   49.00
_cell.length_b   72.80
_cell.length_c   88.99
_cell.angle_alpha   90.0
_cell.angle_beta   103.21
_cell.angle_gamma   90.0
#
_symmetry.space_group_name_H-M   'P 1 21 1'
#
loop_
_entity.id
_entity.type
_entity.pdbx_description
1 polymer 'Casein kinase I isoform delta'
2 non-polymer 4-[1-cyclohexyl-4-(4-fluorophenyl)-1H-imidazol-5-yl]pyrimidin-2-amine
3 water water
#
_entity_poly.entity_id   1
_entity_poly.type   'polypeptide(L)'
_entity_poly.pdbx_seq_one_letter_code
;GSMELRVGNRYRLGRKIGSGSFGDIYLGTDIAAGEEVAIKLECVKTKHPQLHIESKIYKMMQGGVGIPTIRWCGAEGDYN
VMVMELLGPSLEDLFNFCSRKFSLKTVLLLADQMISRIEYIHSKNFIHRDVKPDNFLMGLGKKGNLVYIIDFGLAKKYRD
ARTHQHIPYRENKNLTGTARYASINTHLGIEQSRRDDLESLGYVLMYFNLGSLPWQGLKAATKRQKYERISEKKMSTPIE
VLCKGYPSEFATYLNFCRSLRFDDKPDYSYLRQLFRNLFHRQGFSYDYVFDWNMLK
;
_entity_poly.pdbx_strand_id   A,B
#
loop_
_chem_comp.id
_chem_comp.type
_chem_comp.name
_chem_comp.formula
0CK non-polymer 4-[1-cyclohexyl-4-(4-fluorophenyl)-1H-imidazol-5-yl]pyrimidin-2-amine 'C19 H20 F N5'
#
# COMPACT_ATOMS: atom_id res chain seq x y z
N LEU A 5 11.90 10.24 -2.98
CA LEU A 5 11.97 11.43 -3.88
C LEU A 5 10.65 11.68 -4.61
N ARG A 6 10.72 12.44 -5.69
CA ARG A 6 9.55 12.82 -6.46
C ARG A 6 9.65 12.30 -7.90
N VAL A 7 8.81 11.34 -8.27
CA VAL A 7 8.88 10.83 -9.64
C VAL A 7 7.64 11.07 -10.49
N GLY A 8 7.86 11.39 -11.77
CA GLY A 8 6.78 11.64 -12.71
C GLY A 8 5.82 12.74 -12.26
N ASN A 9 6.30 13.76 -11.53
CA ASN A 9 5.47 14.82 -10.96
C ASN A 9 4.35 14.35 -10.12
N ARG A 10 3.74 13.25 -10.54
CA ARG A 10 2.57 12.77 -9.84
C ARG A 10 2.85 11.82 -8.70
N TYR A 11 4.01 11.17 -8.71
CA TYR A 11 4.28 10.19 -7.65
C TYR A 11 5.34 10.54 -6.64
N ARG A 12 5.28 9.84 -5.51
CA ARG A 12 6.26 10.00 -4.47
C ARG A 12 6.88 8.61 -4.35
N LEU A 13 8.21 8.51 -4.44
CA LEU A 13 8.88 7.22 -4.33
C LEU A 13 9.00 6.82 -2.87
N GLY A 14 8.74 5.54 -2.61
CA GLY A 14 8.82 5.01 -1.26
C GLY A 14 10.06 4.14 -1.16
N ARG A 15 10.09 3.24 -0.18
CA ARG A 15 11.24 2.36 -0.01
C ARG A 15 11.16 1.14 -0.94
N LYS A 16 12.31 0.50 -1.16
CA LYS A 16 12.46 -0.68 -1.99
C LYS A 16 11.63 -1.84 -1.39
N ILE A 17 10.92 -2.60 -2.21
CA ILE A 17 10.14 -3.71 -1.69
C ILE A 17 10.46 -5.02 -2.36
N GLY A 18 11.18 -4.96 -3.47
CA GLY A 18 11.54 -6.18 -4.17
C GLY A 18 12.29 -5.90 -5.45
N SER A 19 12.41 -6.93 -6.28
CA SER A 19 13.08 -6.78 -7.57
C SER A 19 12.34 -7.66 -8.54
N GLY A 20 12.56 -7.42 -9.82
CA GLY A 20 11.94 -8.22 -10.85
C GLY A 20 13.08 -8.49 -11.76
N SER A 21 12.81 -9.04 -12.93
CA SER A 21 13.91 -9.27 -13.85
C SER A 21 14.18 -7.93 -14.52
N PHE A 22 15.44 -7.48 -14.49
CA PHE A 22 15.87 -6.23 -15.11
C PHE A 22 15.71 -4.93 -14.31
N GLY A 23 15.18 -4.99 -13.09
CA GLY A 23 15.04 -3.74 -12.33
C GLY A 23 14.53 -3.83 -10.91
N ASP A 24 14.77 -2.77 -10.15
CA ASP A 24 14.35 -2.68 -8.74
C ASP A 24 12.97 -2.11 -8.58
N ILE A 25 12.26 -2.67 -7.62
CA ILE A 25 10.90 -2.22 -7.43
C ILE A 25 10.70 -1.48 -6.09
N TYR A 26 9.93 -0.39 -6.13
CA TYR A 26 9.73 0.46 -4.96
C TYR A 26 8.27 0.77 -4.69
N LEU A 27 7.95 1.01 -3.44
CA LEU A 27 6.59 1.34 -3.06
C LEU A 27 6.47 2.81 -3.38
N GLY A 28 5.26 3.26 -3.67
CA GLY A 28 5.07 4.67 -3.95
C GLY A 28 3.62 5.07 -3.79
N THR A 29 3.35 6.35 -4.03
CA THR A 29 2.00 6.88 -3.94
C THR A 29 1.70 7.86 -5.07
N ASP A 30 0.57 7.63 -5.75
CA ASP A 30 0.15 8.54 -6.80
C ASP A 30 -0.56 9.60 -5.94
N ILE A 31 0.12 10.72 -5.71
CA ILE A 31 -0.43 11.78 -4.90
C ILE A 31 -1.70 12.42 -5.47
N ALA A 32 -1.70 12.68 -6.76
CA ALA A 32 -2.84 13.31 -7.42
C ALA A 32 -4.11 12.47 -7.40
N ALA A 33 -3.95 11.15 -7.41
CA ALA A 33 -5.11 10.27 -7.45
C ALA A 33 -5.41 9.57 -6.14
N GLY A 34 -4.53 9.72 -5.15
CA GLY A 34 -4.74 9.07 -3.87
C GLY A 34 -4.67 7.56 -4.03
N GLU A 35 -3.62 7.08 -4.68
CA GLU A 35 -3.46 5.64 -4.94
C GLU A 35 -2.07 5.18 -4.54
N GLU A 36 -1.99 3.98 -3.97
CA GLU A 36 -0.70 3.45 -3.60
C GLU A 36 -0.25 2.70 -4.87
N VAL A 37 1.04 2.77 -5.19
CA VAL A 37 1.55 2.12 -6.39
C VAL A 37 2.87 1.39 -6.19
N ALA A 38 3.25 0.60 -7.19
CA ALA A 38 4.51 -0.13 -7.20
C ALA A 38 5.26 0.54 -8.35
N ILE A 39 6.52 0.88 -8.15
CA ILE A 39 7.27 1.54 -9.21
C ILE A 39 8.54 0.77 -9.58
N LYS A 40 8.69 0.45 -10.86
CA LYS A 40 9.89 -0.25 -11.31
C LYS A 40 10.83 0.75 -11.98
N LEU A 41 12.07 0.78 -11.52
CA LEU A 41 13.06 1.72 -12.04
C LEU A 41 14.19 1.03 -12.81
N GLU A 42 14.45 1.54 -14.02
CA GLU A 42 15.52 1.01 -14.85
C GLU A 42 16.40 2.16 -15.34
N CYS A 43 17.70 2.05 -15.14
CA CYS A 43 18.63 3.09 -15.62
C CYS A 43 18.46 3.33 -17.10
N VAL A 44 18.52 4.58 -17.57
CA VAL A 44 18.34 4.71 -19.01
C VAL A 44 19.73 4.40 -19.67
N LYS A 45 20.74 4.13 -18.82
CA LYS A 45 22.12 3.84 -19.23
C LYS A 45 22.40 2.70 -20.25
N THR A 46 22.88 1.64 -19.62
CA THR A 46 23.42 0.52 -20.27
C THR A 46 22.70 -0.24 -21.34
N LYS A 47 23.70 -0.95 -21.78
CA LYS A 47 23.65 -2.03 -22.73
C LYS A 47 22.23 -2.43 -23.03
N HIS A 48 21.35 -2.46 -22.07
CA HIS A 48 20.06 -3.02 -22.40
C HIS A 48 18.88 -2.29 -21.91
N PRO A 49 17.97 -1.94 -22.86
CA PRO A 49 16.75 -1.20 -22.48
C PRO A 49 15.59 -2.13 -22.33
N GLN A 50 15.51 -2.79 -21.19
CA GLN A 50 14.45 -3.81 -21.12
C GLN A 50 13.12 -3.20 -20.66
N LEU A 51 13.17 -2.31 -19.67
CA LEU A 51 11.89 -1.72 -19.16
C LEU A 51 10.97 -1.23 -20.30
N HIS A 52 11.49 -0.65 -21.36
CA HIS A 52 10.58 -0.14 -22.38
C HIS A 52 9.91 -1.17 -23.28
N ILE A 53 10.62 -2.26 -23.52
CA ILE A 53 10.07 -3.32 -24.34
C ILE A 53 9.00 -4.03 -23.50
N GLU A 54 9.33 -4.29 -22.24
CA GLU A 54 8.40 -4.95 -21.34
C GLU A 54 7.11 -4.14 -21.22
N SER A 55 7.26 -2.82 -21.12
CA SER A 55 6.08 -1.97 -21.02
C SER A 55 5.14 -2.15 -22.19
N LYS A 56 5.67 -2.34 -23.39
CA LYS A 56 4.74 -2.53 -24.51
C LYS A 56 4.01 -3.86 -24.37
N ILE A 57 4.66 -4.88 -23.81
CA ILE A 57 3.97 -6.16 -23.67
C ILE A 57 2.79 -6.02 -22.70
N TYR A 58 3.00 -5.33 -21.58
CA TYR A 58 1.93 -5.11 -20.59
C TYR A 58 0.72 -4.44 -21.25
N LYS A 59 0.98 -3.37 -21.99
CA LYS A 59 -0.11 -2.65 -22.66
C LYS A 59 -0.84 -3.53 -23.66
N MET A 60 -0.12 -4.45 -24.30
CA MET A 60 -0.73 -5.35 -25.26
C MET A 60 -1.61 -6.34 -24.51
N MET A 61 -1.30 -6.53 -23.23
CA MET A 61 -2.03 -7.45 -22.36
C MET A 61 -3.03 -6.68 -21.49
N GLN A 62 -3.07 -5.34 -21.52
CA GLN A 62 -3.99 -4.61 -20.67
C GLN A 62 -5.38 -5.09 -21.03
N GLY A 63 -6.24 -5.09 -20.02
CA GLY A 63 -7.59 -5.53 -20.25
C GLY A 63 -7.88 -6.97 -19.89
N GLY A 64 -6.87 -7.85 -19.99
CA GLY A 64 -7.10 -9.25 -19.64
C GLY A 64 -7.30 -9.42 -18.14
N VAL A 65 -7.95 -10.50 -17.74
CA VAL A 65 -8.17 -10.71 -16.32
C VAL A 65 -6.84 -11.03 -15.62
N GLY A 66 -6.57 -10.31 -14.54
CA GLY A 66 -5.36 -10.55 -13.77
C GLY A 66 -4.05 -10.07 -14.34
N ILE A 67 -4.11 -9.09 -15.22
CA ILE A 67 -2.90 -8.50 -15.82
C ILE A 67 -2.84 -7.11 -15.22
N PRO A 68 -1.76 -6.79 -14.50
CA PRO A 68 -1.67 -5.46 -13.91
C PRO A 68 -1.67 -4.29 -14.88
N THR A 69 -2.50 -3.29 -14.56
CA THR A 69 -2.57 -2.12 -15.39
C THR A 69 -1.36 -1.23 -15.14
N ILE A 70 -0.80 -0.66 -16.20
CA ILE A 70 0.34 0.23 -16.04
C ILE A 70 -0.29 1.63 -16.02
N ARG A 71 0.07 2.44 -15.02
CA ARG A 71 -0.50 3.78 -14.89
C ARG A 71 0.31 4.82 -15.64
N TRP A 72 1.63 4.63 -15.67
CA TRP A 72 2.50 5.56 -16.35
C TRP A 72 3.83 4.94 -16.66
N CYS A 73 4.27 5.18 -17.88
CA CYS A 73 5.55 4.67 -18.26
C CYS A 73 6.19 6.00 -18.70
N GLY A 74 7.48 6.15 -18.46
CA GLY A 74 8.13 7.39 -18.81
C GLY A 74 9.55 7.25 -18.30
N ALA A 75 10.32 8.30 -18.44
CA ALA A 75 11.68 8.28 -17.99
C ALA A 75 11.74 9.56 -17.21
N GLU A 76 12.61 9.63 -16.22
CA GLU A 76 12.74 10.84 -15.44
C GLU A 76 14.11 10.75 -14.80
N GLY A 77 14.82 11.87 -14.78
CA GLY A 77 16.15 11.87 -14.19
C GLY A 77 16.98 10.79 -14.86
N ASP A 78 17.53 9.89 -14.06
CA ASP A 78 18.38 8.82 -14.58
C ASP A 78 17.64 7.52 -14.84
N TYR A 79 16.32 7.52 -14.65
CA TYR A 79 15.57 6.28 -14.81
C TYR A 79 14.39 6.22 -15.75
N ASN A 80 14.22 5.06 -16.36
CA ASN A 80 13.04 4.81 -17.18
C ASN A 80 12.21 4.35 -15.97
N VAL A 81 10.93 4.67 -15.96
CA VAL A 81 10.09 4.29 -14.84
C VAL A 81 8.74 3.82 -15.30
N MET A 82 8.24 2.75 -14.67
CA MET A 82 6.93 2.24 -15.00
C MET A 82 6.19 2.16 -13.68
N VAL A 83 5.00 2.75 -13.63
CA VAL A 83 4.21 2.75 -12.42
C VAL A 83 3.06 1.78 -12.58
N MET A 84 2.86 0.95 -11.57
CA MET A 84 1.83 -0.07 -11.61
C MET A 84 0.92 -0.02 -10.37
N GLU A 85 -0.31 -0.51 -10.50
CA GLU A 85 -1.23 -0.56 -9.37
C GLU A 85 -0.56 -1.44 -8.32
N LEU A 86 -0.65 -1.06 -7.05
CA LEU A 86 -0.02 -1.89 -6.03
C LEU A 86 -0.76 -3.24 -5.93
N LEU A 87 0.01 -4.33 -5.81
CA LEU A 87 -0.57 -5.66 -5.68
C LEU A 87 -0.15 -6.28 -4.34
N GLY A 88 -0.83 -7.36 -3.97
CA GLY A 88 -0.52 -7.98 -2.70
C GLY A 88 0.67 -8.93 -2.66
N PRO A 89 0.63 -9.92 -1.76
CA PRO A 89 1.63 -10.96 -1.51
C PRO A 89 1.80 -11.89 -2.72
N SER A 90 3.00 -12.42 -2.90
CA SER A 90 3.26 -13.36 -4.00
C SER A 90 2.87 -14.73 -3.49
N LEU A 91 2.68 -15.68 -4.40
CA LEU A 91 2.29 -17.03 -4.00
C LEU A 91 3.36 -17.66 -3.13
N GLU A 92 4.63 -17.33 -3.36
CA GLU A 92 5.70 -17.88 -2.54
C GLU A 92 5.55 -17.31 -1.12
N ASP A 93 5.29 -16.00 -1.03
CA ASP A 93 5.07 -15.35 0.27
C ASP A 93 3.94 -16.05 0.99
N LEU A 94 2.81 -16.20 0.32
CA LEU A 94 1.66 -16.86 0.93
C LEU A 94 1.95 -18.31 1.30
N PHE A 95 2.72 -19.01 0.48
CA PHE A 95 3.04 -20.41 0.76
C PHE A 95 3.76 -20.46 2.11
N ASN A 96 4.70 -19.55 2.32
CA ASN A 96 5.43 -19.51 3.58
C ASN A 96 4.49 -19.17 4.73
N PHE A 97 3.59 -18.22 4.50
CA PHE A 97 2.65 -17.82 5.54
C PHE A 97 1.74 -18.95 5.96
N CYS A 98 1.47 -19.85 5.02
CA CYS A 98 0.62 -21.01 5.27
C CYS A 98 1.43 -22.23 5.70
N SER A 99 2.57 -22.00 6.36
CA SER A 99 3.43 -23.08 6.83
C SER A 99 3.89 -24.01 5.71
N ARG A 100 4.12 -23.43 4.53
CA ARG A 100 4.59 -24.17 3.39
C ARG A 100 3.77 -25.40 3.11
N LYS A 101 2.46 -25.25 3.19
CA LYS A 101 1.55 -26.33 2.86
C LYS A 101 0.25 -25.68 2.47
N PHE A 102 -0.26 -26.09 1.31
CA PHE A 102 -1.52 -25.58 0.82
C PHE A 102 -2.43 -26.80 0.77
N SER A 103 -3.71 -26.59 1.07
CA SER A 103 -4.66 -27.70 1.01
C SER A 103 -4.94 -28.02 -0.46
N LEU A 104 -5.44 -29.21 -0.79
CA LEU A 104 -5.68 -29.52 -2.19
C LEU A 104 -6.66 -28.52 -2.76
N LYS A 105 -7.68 -28.14 -2.00
CA LYS A 105 -8.66 -27.16 -2.50
C LYS A 105 -7.96 -25.90 -3.01
N THR A 106 -7.05 -25.36 -2.21
CA THR A 106 -6.32 -24.16 -2.60
C THR A 106 -5.47 -24.39 -3.85
N VAL A 107 -4.80 -25.54 -3.92
CA VAL A 107 -3.98 -25.85 -5.08
C VAL A 107 -4.84 -25.84 -6.35
N LEU A 108 -6.00 -26.51 -6.28
CA LEU A 108 -6.91 -26.56 -7.42
C LEU A 108 -7.49 -25.21 -7.74
N LEU A 109 -7.80 -24.41 -6.73
CA LEU A 109 -8.38 -23.09 -7.03
C LEU A 109 -7.27 -22.17 -7.62
N LEU A 110 -5.99 -22.44 -7.32
CA LEU A 110 -4.87 -21.67 -7.88
C LEU A 110 -4.61 -22.14 -9.33
N ALA A 111 -4.66 -23.45 -9.54
CA ALA A 111 -4.42 -24.02 -10.87
C ALA A 111 -5.39 -23.46 -11.90
N ASP A 112 -6.63 -23.31 -11.48
CA ASP A 112 -7.69 -22.79 -12.34
C ASP A 112 -7.33 -21.41 -12.87
N GLN A 113 -6.97 -20.49 -11.98
CA GLN A 113 -6.62 -19.13 -12.40
C GLN A 113 -5.28 -19.07 -13.12
N MET A 114 -4.32 -19.87 -12.67
CA MET A 114 -2.99 -19.89 -13.28
C MET A 114 -3.03 -20.37 -14.73
N ILE A 115 -3.79 -21.42 -15.00
CA ILE A 115 -3.89 -21.91 -16.37
C ILE A 115 -4.52 -20.83 -17.26
N SER A 116 -5.47 -20.08 -16.71
CA SER A 116 -6.09 -19.04 -17.51
C SER A 116 -5.17 -17.86 -17.78
N ARG A 117 -4.32 -17.49 -16.82
CA ARG A 117 -3.39 -16.39 -17.03
C ARG A 117 -2.44 -16.73 -18.16
N ILE A 118 -1.96 -17.96 -18.15
CA ILE A 118 -1.05 -18.42 -19.19
C ILE A 118 -1.79 -18.46 -20.53
N GLU A 119 -3.01 -18.98 -20.54
CA GLU A 119 -3.76 -19.01 -21.79
C GLU A 119 -3.95 -17.60 -22.33
N TYR A 120 -4.26 -16.65 -21.45
CA TYR A 120 -4.45 -15.27 -21.88
C TYR A 120 -3.19 -14.70 -22.54
N ILE A 121 -2.05 -14.84 -21.87
CA ILE A 121 -0.78 -14.35 -22.40
C ILE A 121 -0.50 -14.98 -23.76
N HIS A 122 -0.78 -16.29 -23.88
CA HIS A 122 -0.56 -16.99 -25.12
C HIS A 122 -1.49 -16.46 -26.21
N SER A 123 -2.71 -16.11 -25.83
CA SER A 123 -3.72 -15.61 -26.77
C SER A 123 -3.27 -14.30 -27.40
N LYS A 124 -2.36 -13.60 -26.73
CA LYS A 124 -1.86 -12.34 -27.26
C LYS A 124 -0.49 -12.49 -27.90
N ASN A 125 -0.18 -13.71 -28.34
CA ASN A 125 1.07 -14.01 -29.04
C ASN A 125 2.37 -14.12 -28.23
N PHE A 126 2.32 -14.09 -26.90
CA PHE A 126 3.57 -14.20 -26.14
C PHE A 126 3.62 -15.43 -25.24
N ILE A 127 4.83 -15.80 -24.85
CA ILE A 127 5.03 -16.88 -23.90
C ILE A 127 5.79 -16.17 -22.78
N HIS A 128 5.49 -16.55 -21.54
CA HIS A 128 6.11 -15.92 -20.37
C HIS A 128 7.56 -16.34 -20.13
N ARG A 129 7.79 -17.65 -20.18
CA ARG A 129 9.12 -18.23 -19.99
C ARG A 129 9.68 -18.27 -18.57
N ASP A 130 8.96 -17.73 -17.58
CA ASP A 130 9.43 -17.80 -16.20
C ASP A 130 8.33 -17.98 -15.19
N VAL A 131 7.50 -19.00 -15.43
CA VAL A 131 6.40 -19.33 -14.54
C VAL A 131 6.96 -19.88 -13.24
N LYS A 132 6.72 -19.17 -12.15
CA LYS A 132 7.22 -19.55 -10.85
C LYS A 132 6.33 -18.89 -9.79
N PRO A 133 6.34 -19.40 -8.56
CA PRO A 133 5.50 -18.81 -7.50
C PRO A 133 5.66 -17.31 -7.28
N ASP A 134 6.89 -16.81 -7.36
CA ASP A 134 7.13 -15.38 -7.14
C ASP A 134 6.60 -14.44 -8.22
N ASN A 135 6.22 -14.98 -9.37
CA ASN A 135 5.69 -14.15 -10.43
C ASN A 135 4.18 -14.12 -10.46
N PHE A 136 3.56 -14.66 -9.41
CA PHE A 136 2.12 -14.64 -9.26
C PHE A 136 1.85 -13.93 -7.93
N LEU A 137 1.06 -12.87 -8.00
CA LEU A 137 0.72 -12.06 -6.82
C LEU A 137 -0.79 -11.92 -6.67
N MET A 138 -1.29 -11.89 -5.43
CA MET A 138 -2.72 -11.72 -5.24
C MET A 138 -3.02 -10.24 -5.37
N GLY A 139 -4.26 -9.90 -5.70
CA GLY A 139 -4.62 -8.49 -5.82
C GLY A 139 -4.96 -7.96 -4.45
N LEU A 140 -5.47 -6.73 -4.38
CA LEU A 140 -5.87 -6.12 -3.11
C LEU A 140 -7.30 -5.61 -3.25
N GLY A 141 -7.95 -5.34 -2.11
CA GLY A 141 -9.32 -4.84 -2.12
C GLY A 141 -10.32 -5.75 -2.80
N LYS A 142 -11.15 -5.16 -3.65
CA LYS A 142 -12.15 -5.92 -4.36
C LYS A 142 -11.49 -7.09 -5.12
N LYS A 143 -10.21 -6.96 -5.44
CA LYS A 143 -9.54 -8.03 -6.18
C LYS A 143 -8.61 -8.87 -5.34
N GLY A 144 -8.98 -9.01 -4.06
CA GLY A 144 -8.17 -9.78 -3.13
C GLY A 144 -8.03 -11.24 -3.50
N ASN A 145 -9.02 -11.82 -4.17
CA ASN A 145 -8.90 -13.22 -4.53
C ASN A 145 -8.58 -13.46 -5.99
N LEU A 146 -8.04 -12.45 -6.64
CA LEU A 146 -7.64 -12.57 -8.03
C LEU A 146 -6.13 -12.79 -8.05
N VAL A 147 -5.70 -13.81 -8.79
CA VAL A 147 -4.29 -14.13 -8.92
C VAL A 147 -3.72 -13.41 -10.13
N TYR A 148 -2.76 -12.52 -9.93
CA TYR A 148 -2.13 -11.78 -11.03
C TYR A 148 -0.78 -12.36 -11.45
N ILE A 149 -0.47 -12.30 -12.73
CA ILE A 149 0.83 -12.75 -13.21
C ILE A 149 1.59 -11.45 -13.53
N ILE A 150 2.88 -11.43 -13.21
CA ILE A 150 3.69 -10.24 -13.47
C ILE A 150 5.02 -10.61 -14.09
N ASP A 151 5.75 -9.58 -14.47
CA ASP A 151 7.09 -9.70 -15.02
C ASP A 151 7.20 -10.32 -16.40
N PHE A 152 7.22 -9.49 -17.43
CA PHE A 152 7.33 -9.96 -18.80
C PHE A 152 8.73 -9.77 -19.32
N GLY A 153 9.67 -9.61 -18.38
CA GLY A 153 11.07 -9.40 -18.70
C GLY A 153 11.73 -10.43 -19.61
N LEU A 154 11.38 -11.70 -19.44
CA LEU A 154 11.96 -12.77 -20.24
C LEU A 154 10.94 -13.29 -21.25
N ALA A 155 9.85 -12.55 -21.43
CA ALA A 155 8.81 -12.94 -22.36
C ALA A 155 9.28 -12.79 -23.79
N LYS A 156 8.68 -13.58 -24.68
CA LYS A 156 9.04 -13.56 -26.10
C LYS A 156 7.82 -13.91 -26.97
N LYS A 157 7.83 -13.37 -28.18
CA LYS A 157 6.75 -13.62 -29.14
C LYS A 157 6.94 -15.02 -29.71
N TYR A 158 5.87 -15.81 -29.77
CA TYR A 158 5.98 -17.17 -30.32
C TYR A 158 5.31 -17.31 -31.69
N ARG A 159 4.47 -16.34 -32.07
CA ARG A 159 3.82 -16.38 -33.38
C ARG A 159 3.64 -14.95 -33.90
N ASP A 160 3.63 -14.81 -35.23
CA ASP A 160 3.48 -13.50 -35.85
C ASP A 160 2.13 -12.85 -35.59
N ALA A 161 2.16 -11.59 -35.22
CA ALA A 161 0.92 -10.87 -34.94
C ALA A 161 -0.11 -11.03 -36.06
N ARG A 162 0.29 -10.75 -37.30
CA ARG A 162 -0.63 -10.82 -38.43
C ARG A 162 -0.97 -12.21 -39.00
N THR A 163 0.05 -13.04 -39.25
CA THR A 163 -0.22 -14.36 -39.82
C THR A 163 -0.38 -15.46 -38.80
N HIS A 164 0.17 -15.23 -37.60
CA HIS A 164 0.18 -16.21 -36.53
C HIS A 164 1.10 -17.37 -36.91
N GLN A 165 2.12 -17.06 -37.70
CA GLN A 165 3.08 -18.10 -38.07
C GLN A 165 3.94 -18.27 -36.82
N HIS A 166 4.00 -19.50 -36.34
CA HIS A 166 4.76 -19.85 -35.16
C HIS A 166 6.27 -19.67 -35.38
N ILE A 167 7.00 -19.32 -34.32
CA ILE A 167 8.44 -19.15 -34.45
C ILE A 167 9.02 -20.53 -34.79
N PRO A 168 10.20 -20.57 -35.42
CA PRO A 168 10.81 -21.85 -35.79
C PRO A 168 11.43 -22.65 -34.62
N TYR A 169 11.40 -23.97 -34.77
CA TYR A 169 11.97 -24.86 -33.77
C TYR A 169 13.48 -24.64 -33.78
N ARG A 170 14.06 -24.40 -32.61
CA ARG A 170 15.49 -24.15 -32.48
C ARG A 170 16.12 -24.96 -31.34
N GLU A 171 17.40 -25.30 -31.49
CA GLU A 171 18.12 -26.09 -30.49
C GLU A 171 19.35 -25.35 -29.92
N ASN A 172 20.09 -26.03 -29.04
CA ASN A 172 21.29 -25.46 -28.41
C ASN A 172 21.05 -24.15 -27.70
N LYS A 173 19.88 -23.98 -27.09
CA LYS A 173 19.59 -22.75 -26.39
C LYS A 173 20.00 -22.83 -24.94
N ASN A 174 20.37 -21.70 -24.37
CA ASN A 174 20.76 -21.63 -22.98
C ASN A 174 19.46 -21.40 -22.24
N LEU A 175 19.41 -21.84 -20.99
CA LEU A 175 18.21 -21.71 -20.18
C LEU A 175 17.77 -20.28 -19.78
N THR A 176 16.46 -20.05 -19.90
CA THR A 176 15.80 -18.76 -19.66
C THR A 176 14.66 -18.97 -18.73
N GLY A 177 14.84 -18.63 -17.46
CA GLY A 177 13.78 -18.83 -16.50
C GLY A 177 14.43 -19.36 -15.23
N THR A 178 13.66 -20.04 -14.41
CA THR A 178 14.21 -20.60 -13.18
C THR A 178 14.43 -22.08 -13.38
N ALA A 179 15.66 -22.53 -13.17
CA ALA A 179 16.00 -23.93 -13.33
C ALA A 179 15.06 -24.88 -12.60
N ARG A 180 14.70 -24.54 -11.37
CA ARG A 180 13.82 -25.40 -10.58
C ARG A 180 12.51 -25.80 -11.27
N TYR A 181 11.93 -24.88 -12.03
CA TYR A 181 10.65 -25.16 -12.69
C TYR A 181 10.72 -25.28 -14.20
N ALA A 182 11.90 -25.09 -14.78
CA ALA A 182 12.04 -25.19 -16.23
C ALA A 182 11.57 -26.55 -16.74
N SER A 183 11.08 -26.58 -17.97
CA SER A 183 10.61 -27.81 -18.58
C SER A 183 11.82 -28.66 -18.97
N ILE A 184 11.58 -29.94 -19.22
CA ILE A 184 12.64 -30.83 -19.62
C ILE A 184 13.25 -30.34 -20.92
N ASN A 185 12.42 -30.08 -21.92
CA ASN A 185 12.92 -29.59 -23.20
C ASN A 185 13.72 -28.32 -23.07
N THR A 186 13.35 -27.46 -22.11
CA THR A 186 14.09 -26.22 -21.90
C THR A 186 15.50 -26.59 -21.44
N HIS A 187 15.63 -27.62 -20.62
CA HIS A 187 16.95 -28.06 -20.14
C HIS A 187 17.75 -28.60 -21.31
N LEU A 188 17.06 -29.25 -22.24
CA LEU A 188 17.70 -29.82 -23.41
C LEU A 188 18.09 -28.75 -24.43
N GLY A 189 17.82 -27.49 -24.08
CA GLY A 189 18.17 -26.38 -24.95
C GLY A 189 17.22 -26.08 -26.08
N ILE A 190 16.02 -26.64 -26.04
CA ILE A 190 15.03 -26.41 -27.10
C ILE A 190 14.31 -25.08 -26.90
N GLU A 191 14.03 -24.39 -28.01
CA GLU A 191 13.33 -23.11 -27.94
C GLU A 191 12.05 -23.30 -27.13
N GLN A 192 11.75 -22.40 -26.22
CA GLN A 192 10.54 -22.53 -25.42
C GLN A 192 9.31 -22.11 -26.23
N SER A 193 8.19 -22.78 -25.98
CA SER A 193 6.95 -22.48 -26.67
C SER A 193 5.81 -22.56 -25.65
N ARG A 194 4.57 -22.58 -26.13
CA ARG A 194 3.42 -22.64 -25.22
C ARG A 194 3.41 -23.81 -24.23
N ARG A 195 3.77 -25.00 -24.71
CA ARG A 195 3.79 -26.17 -23.85
C ARG A 195 4.70 -25.98 -22.63
N ASP A 196 5.79 -25.26 -22.84
CA ASP A 196 6.76 -25.03 -21.78
C ASP A 196 6.25 -24.21 -20.60
N ASP A 197 5.46 -23.17 -20.86
CA ASP A 197 4.91 -22.40 -19.76
C ASP A 197 4.02 -23.32 -18.93
N LEU A 198 3.23 -24.14 -19.61
CA LEU A 198 2.32 -25.06 -18.91
C LEU A 198 3.05 -26.16 -18.14
N GLU A 199 4.13 -26.70 -18.70
CA GLU A 199 4.85 -27.75 -17.99
C GLU A 199 5.35 -27.15 -16.68
N SER A 200 5.96 -25.97 -16.76
CA SER A 200 6.48 -25.29 -15.56
C SER A 200 5.38 -25.14 -14.52
N LEU A 201 4.18 -24.75 -14.96
CA LEU A 201 3.06 -24.59 -14.05
C LEU A 201 2.83 -25.93 -13.35
N GLY A 202 3.02 -27.02 -14.09
CA GLY A 202 2.84 -28.35 -13.52
C GLY A 202 3.80 -28.58 -12.36
N TYR A 203 5.02 -28.10 -12.49
CA TYR A 203 6.00 -28.28 -11.41
C TYR A 203 5.65 -27.37 -10.25
N VAL A 204 5.18 -26.16 -10.54
CA VAL A 204 4.80 -25.23 -9.47
C VAL A 204 3.67 -25.86 -8.63
N LEU A 205 2.68 -26.46 -9.30
CA LEU A 205 1.57 -27.09 -8.59
C LEU A 205 2.08 -28.25 -7.71
N MET A 206 2.90 -29.12 -8.28
CA MET A 206 3.43 -30.22 -7.50
C MET A 206 4.35 -29.68 -6.39
N TYR A 207 4.92 -28.51 -6.64
CA TYR A 207 5.77 -27.86 -5.66
C TYR A 207 4.89 -27.47 -4.47
N PHE A 208 3.72 -26.93 -4.76
CA PHE A 208 2.77 -26.55 -3.70
C PHE A 208 2.27 -27.76 -2.92
N ASN A 209 2.17 -28.91 -3.59
CA ASN A 209 1.69 -30.15 -2.96
C ASN A 209 2.72 -30.79 -2.03
N LEU A 210 3.97 -30.78 -2.45
CA LEU A 210 5.06 -31.42 -1.71
C LEU A 210 5.86 -30.56 -0.75
N GLY A 211 5.92 -29.27 -1.02
CA GLY A 211 6.69 -28.38 -0.16
C GLY A 211 8.05 -28.16 -0.78
N SER A 212 8.43 -29.10 -1.66
CA SER A 212 9.71 -29.04 -2.36
C SER A 212 9.70 -30.03 -3.51
N LEU A 213 10.56 -29.81 -4.49
CA LEU A 213 10.62 -30.76 -5.60
C LEU A 213 11.87 -31.61 -5.37
N PRO A 214 11.88 -32.84 -5.89
CA PRO A 214 13.02 -33.76 -5.73
C PRO A 214 14.36 -33.33 -6.30
N TRP A 215 14.38 -32.39 -7.24
CA TRP A 215 15.64 -31.94 -7.80
C TRP A 215 16.13 -30.69 -7.11
N GLN A 216 15.51 -30.36 -5.99
CA GLN A 216 15.90 -29.21 -5.21
C GLN A 216 16.94 -29.65 -4.21
N GLY A 217 17.82 -28.74 -3.80
CA GLY A 217 18.83 -29.07 -2.81
C GLY A 217 20.03 -29.89 -3.23
N LEU A 218 20.30 -29.97 -4.53
CA LEU A 218 21.44 -30.73 -4.98
C LEU A 218 22.68 -29.85 -4.90
N LYS A 219 23.76 -30.43 -4.38
CA LYS A 219 25.00 -29.68 -4.23
C LYS A 219 25.88 -29.97 -5.44
N ALA A 220 26.61 -28.94 -5.88
CA ALA A 220 27.52 -29.07 -7.02
C ALA A 220 28.63 -28.04 -6.86
N ALA A 221 29.37 -27.78 -7.92
CA ALA A 221 30.50 -26.86 -7.84
C ALA A 221 30.46 -25.58 -8.68
N THR A 222 30.09 -25.69 -9.95
CA THR A 222 30.12 -24.54 -10.84
C THR A 222 29.08 -23.41 -10.84
N LYS A 223 27.81 -23.76 -10.71
CA LYS A 223 26.72 -22.78 -10.74
C LYS A 223 26.24 -22.88 -12.18
N ARG A 224 26.53 -24.02 -12.79
CA ARG A 224 26.14 -24.27 -14.17
C ARG A 224 26.00 -25.78 -14.24
N GLN A 225 26.76 -26.47 -13.38
CA GLN A 225 26.72 -27.92 -13.31
C GLN A 225 25.65 -28.33 -12.31
N LYS A 226 25.05 -27.36 -11.62
CA LYS A 226 23.99 -27.70 -10.69
C LYS A 226 22.77 -27.85 -11.59
N TYR A 227 22.77 -27.14 -12.73
CA TYR A 227 21.66 -27.21 -13.67
C TYR A 227 21.72 -28.53 -14.40
N GLU A 228 22.90 -29.14 -14.37
CA GLU A 228 23.08 -30.44 -15.00
C GLU A 228 22.52 -31.45 -14.02
N ARG A 229 22.75 -31.22 -12.74
CA ARG A 229 22.22 -32.15 -11.75
C ARG A 229 20.70 -31.96 -11.72
N ILE A 230 20.27 -30.71 -11.79
CA ILE A 230 18.84 -30.43 -11.79
C ILE A 230 18.23 -31.12 -13.00
N SER A 231 18.81 -30.88 -14.17
CA SER A 231 18.30 -31.49 -15.39
C SER A 231 18.28 -33.01 -15.33
N GLU A 232 19.36 -33.60 -14.85
CA GLU A 232 19.41 -35.07 -14.79
C GLU A 232 18.42 -35.63 -13.79
N LYS A 233 18.25 -34.97 -12.66
CA LYS A 233 17.32 -35.49 -11.68
C LYS A 233 15.93 -35.41 -12.24
N LYS A 234 15.62 -34.27 -12.86
CA LYS A 234 14.31 -34.05 -13.47
C LYS A 234 14.03 -35.13 -14.50
N MET A 235 15.00 -35.44 -15.35
CA MET A 235 14.79 -36.46 -16.37
C MET A 235 14.72 -37.86 -15.80
N SER A 236 15.45 -38.09 -14.72
CA SER A 236 15.49 -39.40 -14.08
C SER A 236 14.29 -39.70 -13.19
N THR A 237 13.45 -38.69 -12.96
CA THR A 237 12.29 -38.86 -12.10
C THR A 237 10.97 -39.03 -12.88
N PRO A 238 10.52 -40.28 -13.07
CA PRO A 238 9.27 -40.45 -13.81
C PRO A 238 8.12 -39.71 -13.15
N ILE A 239 7.16 -39.28 -13.96
CA ILE A 239 6.04 -38.54 -13.43
C ILE A 239 5.28 -39.30 -12.33
N GLU A 240 5.07 -40.60 -12.51
CA GLU A 240 4.36 -41.37 -11.50
C GLU A 240 5.07 -41.32 -10.15
N VAL A 241 6.39 -41.19 -10.14
CA VAL A 241 7.10 -41.11 -8.88
C VAL A 241 6.87 -39.73 -8.26
N LEU A 242 7.15 -38.69 -9.04
CA LEU A 242 6.97 -37.31 -8.59
C LEU A 242 5.60 -37.06 -7.96
N CYS A 243 4.56 -37.62 -8.55
CA CYS A 243 3.19 -37.42 -8.08
C CYS A 243 2.57 -38.51 -7.19
N LYS A 244 3.40 -39.48 -6.77
CA LYS A 244 2.91 -40.58 -5.93
C LYS A 244 2.33 -40.01 -4.63
N GLY A 245 1.08 -40.36 -4.35
CA GLY A 245 0.44 -39.89 -3.13
C GLY A 245 -0.48 -38.71 -3.30
N TYR A 246 -0.74 -38.33 -4.56
CA TYR A 246 -1.60 -37.20 -4.92
C TYR A 246 -2.57 -37.60 -6.01
N PRO A 247 -3.66 -36.85 -6.17
CA PRO A 247 -4.65 -37.17 -7.20
C PRO A 247 -3.98 -37.40 -8.55
N SER A 248 -4.47 -38.40 -9.27
CA SER A 248 -3.94 -38.75 -10.58
C SER A 248 -3.91 -37.55 -11.52
N GLU A 249 -4.83 -36.62 -11.29
CA GLU A 249 -4.94 -35.39 -12.09
C GLU A 249 -3.61 -34.68 -12.35
N PHE A 250 -2.75 -34.59 -11.34
CA PHE A 250 -1.48 -33.91 -11.48
C PHE A 250 -0.52 -34.58 -12.49
N ALA A 251 -0.45 -35.91 -12.45
CA ALA A 251 0.42 -36.64 -13.38
C ALA A 251 -0.17 -36.57 -14.80
N THR A 252 -1.49 -36.57 -14.89
CA THR A 252 -2.14 -36.50 -16.20
C THR A 252 -1.82 -35.14 -16.80
N TYR A 253 -1.83 -34.11 -15.96
CA TYR A 253 -1.52 -32.76 -16.41
C TYR A 253 -0.08 -32.71 -16.95
N LEU A 254 0.88 -33.11 -16.13
CA LEU A 254 2.26 -33.09 -16.55
C LEU A 254 2.47 -33.93 -17.80
N ASN A 255 1.88 -35.12 -17.83
CA ASN A 255 2.00 -36.00 -18.98
C ASN A 255 1.45 -35.34 -20.22
N PHE A 256 0.32 -34.68 -20.09
CA PHE A 256 -0.30 -34.01 -21.22
C PHE A 256 0.67 -32.97 -21.77
N CYS A 257 1.24 -32.16 -20.86
CA CYS A 257 2.18 -31.11 -21.24
C CYS A 257 3.42 -31.60 -21.96
N ARG A 258 3.99 -32.69 -21.49
CA ARG A 258 5.20 -33.21 -22.13
C ARG A 258 4.90 -33.81 -23.50
N SER A 259 3.65 -34.18 -23.73
CA SER A 259 3.25 -34.78 -25.00
C SER A 259 2.92 -33.78 -26.10
N LEU A 260 2.88 -32.50 -25.77
CA LEU A 260 2.57 -31.48 -26.77
C LEU A 260 3.72 -31.23 -27.72
N ARG A 261 3.40 -31.02 -28.99
CA ARG A 261 4.41 -30.71 -29.99
C ARG A 261 4.78 -29.24 -29.84
N PHE A 262 6.01 -28.92 -30.24
CA PHE A 262 6.55 -27.56 -30.16
C PHE A 262 5.56 -26.45 -30.54
N ASP A 263 4.85 -26.60 -31.64
CA ASP A 263 3.92 -25.57 -32.08
C ASP A 263 2.44 -25.84 -31.83
N ASP A 264 2.14 -26.85 -31.04
CA ASP A 264 0.76 -27.22 -30.72
C ASP A 264 0.05 -26.16 -29.88
N LYS A 265 -1.24 -26.00 -30.13
CA LYS A 265 -2.07 -25.09 -29.35
C LYS A 265 -2.55 -25.99 -28.20
N PRO A 266 -2.16 -25.67 -26.95
CA PRO A 266 -2.58 -26.49 -25.81
C PRO A 266 -4.09 -26.47 -25.60
N ASP A 267 -4.67 -27.53 -25.05
CA ASP A 267 -6.10 -27.51 -24.80
C ASP A 267 -6.30 -27.04 -23.34
N TYR A 268 -6.23 -25.73 -23.15
CA TYR A 268 -6.37 -25.11 -21.82
C TYR A 268 -7.65 -25.50 -21.09
N SER A 269 -8.74 -25.61 -21.83
CA SER A 269 -10.02 -25.97 -21.22
C SER A 269 -9.97 -27.37 -20.65
N TYR A 270 -9.36 -28.27 -21.39
CA TYR A 270 -9.23 -29.64 -20.91
C TYR A 270 -8.40 -29.71 -19.63
N LEU A 271 -7.37 -28.88 -19.53
CA LEU A 271 -6.53 -28.91 -18.34
C LEU A 271 -7.28 -28.39 -17.12
N ARG A 272 -8.09 -27.35 -17.32
CA ARG A 272 -8.87 -26.81 -16.20
C ARG A 272 -9.97 -27.78 -15.79
N GLN A 273 -10.52 -28.50 -16.76
CA GLN A 273 -11.58 -29.46 -16.47
C GLN A 273 -11.06 -30.61 -15.60
N LEU A 274 -9.83 -31.04 -15.86
CA LEU A 274 -9.25 -32.13 -15.07
C LEU A 274 -9.31 -31.72 -13.60
N PHE A 275 -8.91 -30.49 -13.32
CA PHE A 275 -8.90 -30.02 -11.95
C PHE A 275 -10.28 -29.72 -11.38
N ARG A 276 -11.20 -29.16 -12.18
CA ARG A 276 -12.56 -28.89 -11.71
C ARG A 276 -13.25 -30.22 -11.36
N ASN A 277 -13.09 -31.21 -12.23
CA ASN A 277 -13.72 -32.50 -12.00
C ASN A 277 -13.17 -33.12 -10.73
N LEU A 278 -11.91 -32.83 -10.43
CA LEU A 278 -11.30 -33.33 -9.21
C LEU A 278 -11.86 -32.53 -8.03
N PHE A 279 -12.03 -31.22 -8.24
CA PHE A 279 -12.56 -30.34 -7.22
C PHE A 279 -13.89 -30.89 -6.71
N HIS A 280 -14.71 -31.36 -7.64
CA HIS A 280 -16.02 -31.97 -7.34
C HIS A 280 -15.90 -33.30 -6.60
N ARG A 281 -15.05 -34.18 -7.10
CA ARG A 281 -14.86 -35.49 -6.50
C ARG A 281 -14.44 -35.40 -5.04
N GLN A 282 -13.69 -34.36 -4.70
CA GLN A 282 -13.21 -34.21 -3.33
C GLN A 282 -14.25 -33.60 -2.42
N GLY A 283 -15.32 -33.09 -3.01
CA GLY A 283 -16.37 -32.51 -2.22
C GLY A 283 -16.23 -31.05 -1.81
N PHE A 284 -15.18 -30.38 -2.26
CA PHE A 284 -14.96 -28.97 -1.89
C PHE A 284 -16.04 -28.01 -2.38
N SER A 285 -16.30 -27.00 -1.56
CA SER A 285 -17.29 -25.96 -1.83
C SER A 285 -16.75 -24.95 -2.83
N TYR A 286 -17.65 -24.22 -3.46
CA TYR A 286 -17.26 -23.19 -4.41
C TYR A 286 -17.39 -21.83 -3.75
N ASP A 287 -16.70 -21.65 -2.63
CA ASP A 287 -16.75 -20.37 -1.91
C ASP A 287 -15.49 -19.57 -2.24
N TYR A 288 -14.60 -20.18 -3.02
CA TYR A 288 -13.36 -19.51 -3.42
C TYR A 288 -12.48 -19.02 -2.30
N VAL A 289 -12.59 -19.64 -1.14
CA VAL A 289 -11.76 -19.27 0.00
C VAL A 289 -10.42 -20.01 -0.07
N PHE A 290 -9.34 -19.25 -0.03
CA PHE A 290 -7.98 -19.80 -0.07
C PHE A 290 -7.52 -19.99 1.37
N ASP A 291 -6.62 -20.96 1.60
CA ASP A 291 -6.12 -21.21 2.95
C ASP A 291 -5.81 -19.94 3.74
N TRP A 292 -4.98 -19.07 3.18
CA TRP A 292 -4.61 -17.84 3.87
C TRP A 292 -5.78 -16.92 4.20
N ASN A 293 -6.93 -17.15 3.57
CA ASN A 293 -8.11 -16.33 3.87
C ASN A 293 -8.63 -16.67 5.26
N MET A 294 -8.16 -17.78 5.82
CA MET A 294 -8.59 -18.17 7.15
C MET A 294 -7.63 -17.82 8.28
N LEU A 295 -6.51 -17.17 7.95
CA LEU A 295 -5.54 -16.82 8.99
C LEU A 295 -6.20 -15.93 10.04
N LYS A 296 -6.34 -16.46 11.25
CA LYS A 296 -6.95 -15.68 12.32
C LYS A 296 -5.80 -14.97 13.05
N LEU B 5 8.27 -10.24 7.30
CA LEU B 5 7.97 -10.05 8.75
C LEU B 5 6.46 -10.14 8.93
N ARG B 6 6.03 -10.69 10.06
CA ARG B 6 4.61 -10.87 10.30
C ARG B 6 4.18 -10.70 11.74
N VAL B 7 3.08 -9.98 11.96
CA VAL B 7 2.56 -9.77 13.29
C VAL B 7 1.08 -10.09 13.37
N GLY B 8 0.59 -10.32 14.58
CA GLY B 8 -0.82 -10.64 14.76
C GLY B 8 -1.31 -11.73 13.80
N ASN B 9 -0.45 -12.71 13.55
CA ASN B 9 -0.74 -13.86 12.69
C ASN B 9 -1.06 -13.59 11.22
N ARG B 10 -1.96 -12.63 10.96
CA ARG B 10 -2.39 -12.33 9.59
C ARG B 10 -1.90 -11.01 9.00
N TYR B 11 -0.97 -10.33 9.63
CA TYR B 11 -0.50 -9.06 9.09
C TYR B 11 0.96 -9.06 8.65
N ARG B 12 1.17 -9.00 7.34
CA ARG B 12 2.52 -8.97 6.82
C ARG B 12 3.02 -7.54 7.07
N LEU B 13 4.17 -7.42 7.72
CA LEU B 13 4.73 -6.11 7.99
C LEU B 13 5.59 -5.68 6.80
N GLY B 14 5.16 -4.62 6.13
CA GLY B 14 5.92 -4.12 4.99
C GLY B 14 7.02 -3.20 5.49
N ARG B 15 7.52 -2.33 4.61
CA ARG B 15 8.59 -1.41 4.96
C ARG B 15 8.11 -0.15 5.68
N LYS B 16 9.01 0.46 6.44
CA LYS B 16 8.72 1.67 7.19
C LYS B 16 8.17 2.78 6.29
N ILE B 17 7.12 3.44 6.77
CA ILE B 17 6.44 4.48 6.04
C ILE B 17 6.52 5.84 6.74
N GLY B 18 7.08 5.79 7.93
CA GLY B 18 7.27 6.96 8.71
C GLY B 18 7.17 6.72 10.15
N SER B 19 6.78 7.73 10.87
CA SER B 19 6.57 7.72 12.32
C SER B 19 5.47 8.72 12.38
N GLY B 23 5.75 5.95 18.22
CA GLY B 23 6.25 4.82 17.47
C GLY B 23 6.47 4.88 15.94
N ASP B 24 6.88 3.74 15.40
CA ASP B 24 7.13 3.61 13.95
C ASP B 24 5.91 3.05 13.21
N ILE B 25 5.64 3.56 12.01
CA ILE B 25 4.49 3.08 11.26
C ILE B 25 5.02 2.33 10.03
N TYR B 26 4.44 1.17 9.75
CA TYR B 26 4.81 0.34 8.63
C TYR B 26 3.61 0.13 7.73
N LEU B 27 3.88 -0.12 6.46
CA LEU B 27 2.81 -0.36 5.50
C LEU B 27 2.72 -1.86 5.30
N GLY B 28 1.67 -2.46 5.83
CA GLY B 28 1.52 -3.89 5.70
C GLY B 28 0.34 -4.36 4.89
N THR B 29 0.05 -5.64 5.09
CA THR B 29 -1.04 -6.29 4.39
C THR B 29 -1.78 -7.26 5.30
N ASP B 30 -3.09 -7.16 5.28
CA ASP B 30 -3.93 -8.08 6.04
C ASP B 30 -4.13 -9.18 5.01
N ILE B 31 -3.25 -10.18 5.02
CA ILE B 31 -3.35 -11.23 4.01
C ILE B 31 -4.63 -12.05 4.06
N ALA B 32 -5.27 -12.16 5.22
CA ALA B 32 -6.52 -12.92 5.29
C ALA B 32 -7.63 -12.21 4.52
N ALA B 33 -7.66 -10.89 4.62
CA ALA B 33 -8.67 -10.08 3.94
C ALA B 33 -8.21 -9.46 2.62
N GLY B 34 -6.92 -9.56 2.31
CA GLY B 34 -6.39 -9.00 1.07
C GLY B 34 -6.51 -7.50 1.03
N GLU B 35 -6.01 -6.83 2.06
CA GLU B 35 -6.11 -5.38 2.18
C GLU B 35 -4.83 -4.77 2.73
N GLU B 36 -4.42 -3.62 2.19
CA GLU B 36 -3.24 -2.94 2.70
C GLU B 36 -3.66 -2.27 4.01
N VAL B 37 -2.73 -2.17 4.95
CA VAL B 37 -3.02 -1.53 6.23
C VAL B 37 -1.78 -0.79 6.69
N ALA B 38 -1.93 0.02 7.73
CA ALA B 38 -0.83 0.76 8.31
C ALA B 38 -0.63 0.16 9.70
N ILE B 39 0.59 -0.25 10.02
CA ILE B 39 0.85 -0.88 11.31
C ILE B 39 1.74 -0.02 12.21
N LYS B 40 1.30 0.17 13.45
CA LYS B 40 2.05 0.96 14.41
C LYS B 40 2.69 0.09 15.48
N LEU B 41 4.00 0.10 15.53
CA LEU B 41 4.72 -0.67 16.53
C LEU B 41 5.29 0.32 17.52
N GLU B 42 5.04 0.07 18.79
CA GLU B 42 5.49 0.97 19.84
C GLU B 42 6.20 0.21 20.96
N CYS B 43 7.51 0.50 21.12
CA CYS B 43 8.33 -0.11 22.16
C CYS B 43 7.68 0.01 23.53
N VAL B 44 7.62 -1.09 24.27
CA VAL B 44 7.05 -1.04 25.61
C VAL B 44 8.25 -1.09 26.54
N LYS B 45 8.53 0.02 27.22
CA LYS B 45 9.66 0.09 28.13
C LYS B 45 9.29 -0.15 29.59
N THR B 46 7.99 -0.11 29.88
CA THR B 46 7.52 -0.34 31.25
C THR B 46 6.72 -1.64 31.33
N HIS B 52 -3.47 0.34 25.30
CA HIS B 52 -4.83 -0.16 25.13
C HIS B 52 -5.87 0.94 25.26
N ILE B 53 -5.51 2.03 25.93
CA ILE B 53 -6.44 3.13 26.09
C ILE B 53 -6.62 3.95 24.80
N GLU B 54 -5.55 4.17 24.05
CA GLU B 54 -5.71 4.91 22.81
C GLU B 54 -6.63 4.12 21.86
N SER B 55 -6.57 2.80 21.96
CA SER B 55 -7.41 1.96 21.11
C SER B 55 -8.88 2.12 21.50
N LYS B 56 -9.13 2.26 22.80
CA LYS B 56 -10.51 2.42 23.24
C LYS B 56 -11.05 3.78 22.80
N ILE B 57 -10.20 4.80 22.77
CA ILE B 57 -10.65 6.11 22.33
C ILE B 57 -11.04 6.00 20.86
N TYR B 58 -10.18 5.34 20.08
CA TYR B 58 -10.48 5.12 18.68
C TYR B 58 -11.84 4.44 18.55
N LYS B 59 -12.11 3.41 19.35
CA LYS B 59 -13.38 2.68 19.21
C LYS B 59 -14.56 3.57 19.59
N MET B 60 -14.41 4.47 20.58
CA MET B 60 -15.52 5.34 20.94
C MET B 60 -15.85 6.25 19.75
N MET B 61 -14.81 6.61 18.99
CA MET B 61 -14.93 7.50 17.84
C MET B 61 -15.45 6.87 16.54
N GLN B 62 -15.28 5.55 16.42
CA GLN B 62 -15.68 4.82 15.22
C GLN B 62 -17.03 5.21 14.65
N GLY B 63 -17.11 5.29 13.33
CA GLY B 63 -18.36 5.65 12.69
C GLY B 63 -18.38 7.09 12.23
N GLY B 64 -17.69 7.96 12.96
CA GLY B 64 -17.66 9.35 12.58
C GLY B 64 -16.89 9.57 11.28
N VAL B 65 -17.28 10.60 10.54
CA VAL B 65 -16.64 10.93 9.28
C VAL B 65 -15.17 11.27 9.47
N GLY B 66 -14.30 10.69 8.66
CA GLY B 66 -12.89 11.02 8.80
C GLY B 66 -12.22 10.40 10.01
N ILE B 67 -12.84 9.37 10.56
CA ILE B 67 -12.28 8.68 11.70
C ILE B 67 -11.85 7.30 11.20
N PRO B 68 -10.55 6.99 11.28
CA PRO B 68 -10.10 5.68 10.79
C PRO B 68 -10.60 4.54 11.66
N THR B 69 -10.58 3.33 11.10
CA THR B 69 -11.02 2.15 11.83
C THR B 69 -9.82 1.30 12.21
N ILE B 70 -9.73 0.96 13.49
CA ILE B 70 -8.64 0.13 13.99
C ILE B 70 -9.09 -1.31 13.82
N ARG B 71 -8.32 -2.07 13.05
CA ARG B 71 -8.64 -3.47 12.77
C ARG B 71 -8.10 -4.44 13.80
N TRP B 72 -7.02 -4.07 14.45
CA TRP B 72 -6.44 -4.95 15.43
C TRP B 72 -5.50 -4.20 16.36
N CYS B 73 -5.40 -4.69 17.59
CA CYS B 73 -4.54 -4.12 18.61
C CYS B 73 -4.05 -5.26 19.45
N GLY B 74 -2.74 -5.34 19.65
CA GLY B 74 -2.21 -6.43 20.44
C GLY B 74 -0.77 -6.28 20.90
N ALA B 75 -0.33 -7.22 21.73
CA ALA B 75 1.02 -7.20 22.24
C ALA B 75 1.78 -8.33 21.60
N GLU B 76 2.99 -8.02 21.12
CA GLU B 76 3.86 -9.00 20.50
C GLU B 76 5.19 -8.87 21.21
N GLY B 77 5.36 -9.73 22.20
CA GLY B 77 6.58 -9.75 23.00
C GLY B 77 6.95 -8.37 23.50
N ASP B 78 8.00 -7.74 22.94
CA ASP B 78 8.41 -6.41 23.45
C ASP B 78 7.75 -5.18 22.86
N TYR B 79 6.62 -5.34 22.16
CA TYR B 79 5.97 -4.16 21.65
C TYR B 79 4.47 -4.33 21.57
N ASN B 80 3.74 -3.19 21.46
CA ASN B 80 2.29 -3.20 21.33
C ASN B 80 2.09 -2.86 19.86
N VAL B 81 1.17 -3.58 19.25
CA VAL B 81 0.90 -3.40 17.82
C VAL B 81 -0.49 -2.81 17.59
N MET B 82 -0.66 -1.87 16.64
CA MET B 82 -1.99 -1.31 16.32
C MET B 82 -2.13 -1.33 14.79
N VAL B 83 -3.18 -1.97 14.29
CA VAL B 83 -3.39 -2.04 12.85
C VAL B 83 -4.59 -1.20 12.44
N MET B 84 -4.36 -0.30 11.49
CA MET B 84 -5.37 0.61 11.00
C MET B 84 -5.52 0.52 9.48
N GLU B 85 -6.69 0.90 8.97
CA GLU B 85 -6.92 0.89 7.53
C GLU B 85 -5.90 1.85 6.91
N LEU B 86 -5.32 1.48 5.77
CA LEU B 86 -4.33 2.32 5.12
C LEU B 86 -4.91 3.62 4.58
N LEU B 87 -4.36 4.75 5.05
CA LEU B 87 -4.81 6.06 4.58
C LEU B 87 -3.75 6.69 3.66
N GLY B 88 -4.08 7.85 3.09
CA GLY B 88 -3.17 8.53 2.20
C GLY B 88 -2.12 9.38 2.91
N PRO B 89 -1.52 10.36 2.19
CA PRO B 89 -0.49 11.28 2.71
C PRO B 89 -1.01 12.21 3.79
N SER B 90 -0.15 12.55 4.75
CA SER B 90 -0.53 13.48 5.80
C SER B 90 -0.48 14.88 5.17
N LEU B 91 -1.15 15.85 5.79
CA LEU B 91 -1.14 17.21 5.24
C LEU B 91 0.27 17.80 5.23
N GLU B 92 1.12 17.40 6.16
CA GLU B 92 2.50 17.90 6.19
C GLU B 92 3.21 17.33 4.95
N ASP B 93 3.03 16.03 4.71
CA ASP B 93 3.66 15.39 3.55
C ASP B 93 3.21 16.06 2.26
N LEU B 94 1.93 16.38 2.16
CA LEU B 94 1.42 17.03 0.97
C LEU B 94 1.93 18.46 0.86
N PHE B 95 2.07 19.14 2.00
CA PHE B 95 2.54 20.52 1.99
C PHE B 95 3.96 20.55 1.41
N ASN B 96 4.80 19.63 1.86
CA ASN B 96 6.16 19.55 1.37
C ASN B 96 6.22 19.18 -0.11
N PHE B 97 5.35 18.26 -0.51
CA PHE B 97 5.28 17.84 -1.90
C PHE B 97 4.87 18.99 -2.79
N CYS B 98 4.17 19.97 -2.23
CA CYS B 98 3.73 21.11 -3.02
C CYS B 98 4.64 22.30 -2.74
N SER B 99 5.91 22.02 -2.48
CA SER B 99 6.89 23.07 -2.20
C SER B 99 6.38 24.06 -1.15
N ARG B 100 5.67 23.54 -0.16
CA ARG B 100 5.18 24.34 0.94
C ARG B 100 4.37 25.57 0.47
N LYS B 101 3.52 25.32 -0.51
CA LYS B 101 2.65 26.34 -1.08
C LYS B 101 1.27 25.72 -1.27
N PHE B 102 0.26 26.30 -0.63
CA PHE B 102 -1.10 25.83 -0.79
C PHE B 102 -1.86 27.06 -1.24
N SER B 103 -2.80 26.87 -2.18
CA SER B 103 -3.62 27.98 -2.64
C SER B 103 -4.65 28.28 -1.54
N LEU B 104 -5.22 29.47 -1.55
CA LEU B 104 -6.23 29.82 -0.54
C LEU B 104 -7.37 28.81 -0.62
N LYS B 105 -7.76 28.44 -1.85
CA LYS B 105 -8.84 27.47 -2.03
C LYS B 105 -8.52 26.21 -1.22
N THR B 106 -7.34 25.64 -1.45
CA THR B 106 -6.95 24.44 -0.72
C THR B 106 -6.96 24.65 0.79
N VAL B 107 -6.49 25.81 1.26
CA VAL B 107 -6.49 26.07 2.70
C VAL B 107 -7.92 26.11 3.25
N LEU B 108 -8.83 26.72 2.50
CA LEU B 108 -10.21 26.82 2.94
C LEU B 108 -10.91 25.45 2.91
N LEU B 109 -10.57 24.62 1.93
CA LEU B 109 -11.18 23.29 1.83
C LEU B 109 -10.78 22.45 3.04
N LEU B 110 -9.50 22.50 3.40
CA LEU B 110 -9.01 21.75 4.55
C LEU B 110 -9.62 22.32 5.84
N ALA B 111 -9.67 23.64 5.95
CA ALA B 111 -10.22 24.26 7.14
C ALA B 111 -11.62 23.76 7.44
N ASP B 112 -12.47 23.71 6.42
CA ASP B 112 -13.83 23.26 6.58
C ASP B 112 -13.92 21.88 7.22
N GLN B 113 -13.16 20.93 6.68
CA GLN B 113 -13.17 19.56 7.21
C GLN B 113 -12.47 19.46 8.55
N MET B 114 -11.36 20.16 8.71
CA MET B 114 -10.62 20.11 9.97
C MET B 114 -11.47 20.59 11.15
N ILE B 115 -12.21 21.67 10.96
CA ILE B 115 -13.09 22.17 12.03
C ILE B 115 -14.12 21.08 12.39
N SER B 116 -14.64 20.39 11.37
CA SER B 116 -15.62 19.34 11.59
C SER B 116 -15.06 18.12 12.33
N ARG B 117 -13.84 17.72 12.01
CA ARG B 117 -13.21 16.58 12.67
C ARG B 117 -13.12 16.89 14.15
N ILE B 118 -12.57 18.06 14.44
CA ILE B 118 -12.41 18.50 15.82
C ILE B 118 -13.77 18.57 16.51
N GLU B 119 -14.76 19.17 15.86
CA GLU B 119 -16.10 19.27 16.45
C GLU B 119 -16.63 17.86 16.79
N TYR B 120 -16.40 16.91 15.89
CA TYR B 120 -16.85 15.55 16.11
C TYR B 120 -16.18 14.95 17.33
N ILE B 121 -14.85 15.02 17.36
CA ILE B 121 -14.09 14.49 18.48
C ILE B 121 -14.63 15.10 19.77
N HIS B 122 -14.86 16.41 19.76
CA HIS B 122 -15.40 17.08 20.94
C HIS B 122 -16.79 16.56 21.29
N SER B 123 -17.62 16.33 20.28
CA SER B 123 -18.97 15.83 20.53
C SER B 123 -18.88 14.48 21.24
N LYS B 124 -17.76 13.79 21.07
CA LYS B 124 -17.54 12.50 21.69
C LYS B 124 -16.80 12.60 23.03
N ASN B 125 -16.88 13.79 23.62
CA ASN B 125 -16.30 14.09 24.94
C ASN B 125 -14.79 14.13 25.12
N PHE B 126 -14.04 14.22 24.03
CA PHE B 126 -12.59 14.27 24.13
C PHE B 126 -11.98 15.45 23.39
N ILE B 127 -10.78 15.83 23.81
CA ILE B 127 -10.03 16.88 23.15
C ILE B 127 -8.80 16.16 22.60
N HIS B 128 -8.38 16.52 21.39
CA HIS B 128 -7.25 15.87 20.76
C HIS B 128 -5.92 16.23 21.43
N ARG B 129 -5.71 17.52 21.61
CA ARG B 129 -4.52 18.06 22.24
C ARG B 129 -3.24 18.11 21.41
N ASP B 130 -3.24 17.49 20.24
CA ASP B 130 -2.03 17.58 19.40
C ASP B 130 -2.42 17.80 17.93
N VAL B 131 -3.16 18.87 17.69
CA VAL B 131 -3.63 19.26 16.36
C VAL B 131 -2.46 19.81 15.54
N LYS B 132 -2.07 19.09 14.48
CA LYS B 132 -0.97 19.51 13.62
C LYS B 132 -1.13 18.85 12.26
N PRO B 133 -0.52 19.41 11.20
CA PRO B 133 -0.64 18.84 9.86
C PRO B 133 -0.29 17.36 9.79
N ASP B 134 0.63 16.95 10.65
CA ASP B 134 1.11 15.57 10.71
C ASP B 134 0.03 14.56 11.11
N ASN B 135 -1.00 15.04 11.81
CA ASN B 135 -2.07 14.16 12.28
C ASN B 135 -3.35 14.12 11.46
N PHE B 136 -3.33 14.79 10.31
CA PHE B 136 -4.46 14.80 9.38
C PHE B 136 -3.94 14.13 8.12
N LEU B 137 -4.65 13.12 7.62
CA LEU B 137 -4.22 12.43 6.40
C LEU B 137 -5.41 12.35 5.43
N MET B 138 -5.14 12.45 4.13
CA MET B 138 -6.22 12.32 3.16
C MET B 138 -6.50 10.84 3.05
N GLY B 139 -7.70 10.50 2.58
CA GLY B 139 -8.02 9.10 2.41
C GLY B 139 -7.52 8.67 1.04
N LEU B 140 -7.62 7.38 0.75
CA LEU B 140 -7.21 6.83 -0.54
C LEU B 140 -8.46 6.48 -1.35
N GLY B 141 -8.32 6.43 -2.68
CA GLY B 141 -9.44 6.10 -3.53
C GLY B 141 -10.60 7.08 -3.56
N LYS B 142 -11.81 6.55 -3.46
CA LYS B 142 -13.01 7.38 -3.47
C LYS B 142 -13.09 8.27 -2.24
N LYS B 143 -12.29 7.96 -1.24
CA LYS B 143 -12.27 8.74 -0.01
C LYS B 143 -11.02 9.62 0.00
N GLY B 144 -10.46 9.79 -1.19
CA GLY B 144 -9.27 10.60 -1.36
C GLY B 144 -9.51 12.08 -1.11
N ASN B 145 -10.77 12.51 -1.17
CA ASN B 145 -11.10 13.93 -0.94
C ASN B 145 -11.54 14.15 0.50
N LEU B 146 -11.40 13.13 1.33
CA LEU B 146 -11.79 13.21 2.72
C LEU B 146 -10.56 13.34 3.61
N VAL B 147 -10.58 14.30 4.53
CA VAL B 147 -9.47 14.52 5.46
C VAL B 147 -9.74 13.73 6.75
N TYR B 148 -8.80 12.89 7.16
CA TYR B 148 -8.98 12.12 8.40
C TYR B 148 -8.13 12.71 9.53
N ILE B 149 -8.48 12.37 10.76
CA ILE B 149 -7.70 12.82 11.90
C ILE B 149 -7.25 11.54 12.58
N ILE B 150 -6.01 11.53 13.08
CA ILE B 150 -5.47 10.36 13.75
C ILE B 150 -4.65 10.73 14.99
N ASP B 151 -4.13 9.68 15.63
CA ASP B 151 -3.32 9.79 16.82
C ASP B 151 -4.07 10.42 17.97
N PHE B 152 -4.52 9.55 18.87
CA PHE B 152 -5.25 9.97 20.03
C PHE B 152 -4.42 9.64 21.26
N GLY B 153 -3.13 9.42 21.05
CA GLY B 153 -2.23 9.11 22.15
C GLY B 153 -2.21 10.17 23.23
N LEU B 154 -2.51 11.41 22.86
CA LEU B 154 -2.52 12.52 23.82
C LEU B 154 -3.93 12.97 24.16
N ALA B 155 -4.92 12.30 23.59
CA ALA B 155 -6.33 12.64 23.81
C ALA B 155 -6.74 12.57 25.27
N LYS B 156 -7.78 13.33 25.62
CA LYS B 156 -8.28 13.36 26.99
C LYS B 156 -9.77 13.69 27.07
N LYS B 157 -10.50 13.07 28.00
CA LYS B 157 -11.92 13.32 28.16
C LYS B 157 -12.01 14.71 28.83
N TYR B 158 -12.81 15.58 28.26
CA TYR B 158 -12.96 16.92 28.82
C TYR B 158 -14.32 17.14 29.49
N ARG B 159 -15.25 16.18 29.33
CA ARG B 159 -16.60 16.31 29.92
C ARG B 159 -17.32 14.94 30.06
N ASP B 160 -18.30 14.90 30.95
CA ASP B 160 -19.09 13.70 31.19
C ASP B 160 -20.03 13.49 29.99
N ALA B 161 -20.11 12.25 29.51
CA ALA B 161 -20.94 11.92 28.35
C ALA B 161 -22.40 12.23 28.56
N ARG B 162 -22.87 11.90 29.76
CA ARG B 162 -24.26 12.16 30.05
C ARG B 162 -24.64 13.52 30.61
N THR B 163 -23.94 13.99 31.64
CA THR B 163 -24.22 15.28 32.28
C THR B 163 -23.52 16.46 31.62
N HIS B 164 -22.46 16.17 30.85
CA HIS B 164 -21.68 17.21 30.18
C HIS B 164 -20.90 18.07 31.19
N GLN B 165 -20.72 17.57 32.40
CA GLN B 165 -19.96 18.34 33.39
C GLN B 165 -18.56 18.44 32.80
N HIS B 166 -18.01 19.65 32.81
CA HIS B 166 -16.69 19.91 32.26
C HIS B 166 -15.58 19.71 33.29
N ILE B 167 -14.43 19.24 32.85
CA ILE B 167 -13.30 19.04 33.76
C ILE B 167 -12.95 20.39 34.38
N PRO B 168 -12.40 20.39 35.60
CA PRO B 168 -12.00 21.61 36.32
C PRO B 168 -10.87 22.39 35.67
N TYR B 169 -10.86 23.71 35.85
CA TYR B 169 -9.79 24.54 35.33
C TYR B 169 -8.59 24.21 36.23
N ARG B 170 -7.43 24.01 35.62
CA ARG B 170 -6.19 23.67 36.36
C ARG B 170 -4.96 24.36 35.72
N GLU B 171 -3.86 24.56 36.46
CA GLU B 171 -2.58 25.09 35.96
C GLU B 171 -1.55 24.06 36.18
N ASN B 172 -0.34 24.51 35.96
CA ASN B 172 0.83 23.72 36.20
C ASN B 172 0.79 22.33 35.55
N LYS B 173 0.31 22.24 34.31
CA LYS B 173 0.27 20.96 33.62
C LYS B 173 1.56 20.83 32.85
N ASN B 174 1.85 19.57 32.57
CA ASN B 174 3.03 19.20 31.84
C ASN B 174 2.81 19.57 30.38
N LEU B 175 3.85 19.69 29.56
CA LEU B 175 3.69 20.10 28.15
C LEU B 175 3.23 18.94 27.28
N THR B 176 2.03 19.06 26.74
CA THR B 176 1.42 18.05 25.88
C THR B 176 1.10 18.69 24.54
N GLY B 177 1.66 18.14 23.47
CA GLY B 177 1.41 18.65 22.14
C GLY B 177 2.69 19.05 21.42
N THR B 178 2.55 19.90 20.40
CA THR B 178 3.69 20.37 19.64
C THR B 178 3.79 21.88 19.87
N ALA B 179 4.98 22.33 20.29
CA ALA B 179 5.19 23.74 20.59
C ALA B 179 4.81 24.69 19.48
N ARG B 180 5.11 24.34 18.24
CA ARG B 180 4.82 25.21 17.12
C ARG B 180 3.35 25.60 17.02
N TYR B 181 2.46 24.67 17.32
CA TYR B 181 1.02 24.91 17.20
C TYR B 181 0.27 25.05 18.52
N ALA B 182 0.98 24.98 19.64
CA ALA B 182 0.34 25.10 20.94
C ALA B 182 -0.32 26.45 21.16
N SER B 183 -1.41 26.47 21.90
CA SER B 183 -2.11 27.71 22.18
C SER B 183 -1.36 28.48 23.25
N ILE B 184 -1.66 29.76 23.36
CA ILE B 184 -1.03 30.63 24.34
C ILE B 184 -1.32 30.15 25.76
N ASN B 185 -2.52 29.64 26.00
CA ASN B 185 -2.85 29.17 27.33
C ASN B 185 -2.09 27.89 27.64
N THR B 186 -1.85 27.09 26.61
CA THR B 186 -1.10 25.86 26.80
C THR B 186 0.31 26.29 27.20
N HIS B 187 0.82 27.33 26.55
CA HIS B 187 2.14 27.86 26.85
C HIS B 187 2.21 28.39 28.28
N LEU B 188 1.07 28.61 28.91
CA LEU B 188 1.07 29.11 30.28
C LEU B 188 0.83 28.02 31.30
N GLY B 189 0.77 26.77 30.83
CA GLY B 189 0.57 25.64 31.71
C GLY B 189 -0.87 25.41 32.11
N ILE B 190 -1.79 26.02 31.38
CA ILE B 190 -3.21 25.89 31.66
C ILE B 190 -3.74 24.63 31.02
N GLU B 191 -4.60 23.94 31.77
CA GLU B 191 -5.26 22.71 31.34
C GLU B 191 -5.92 23.01 29.99
N GLN B 192 -5.71 22.12 29.02
CA GLN B 192 -6.28 22.32 27.71
C GLN B 192 -7.76 21.94 27.66
N SER B 193 -8.50 22.57 26.77
CA SER B 193 -9.91 22.29 26.59
C SER B 193 -10.25 22.47 25.12
N ARG B 194 -11.53 22.46 24.77
CA ARG B 194 -11.95 22.61 23.39
C ARG B 194 -11.35 23.82 22.66
N ARG B 195 -11.30 24.96 23.34
CA ARG B 195 -10.78 26.16 22.70
C ARG B 195 -9.35 25.98 22.16
N ASP B 196 -8.55 25.21 22.88
CA ASP B 196 -7.17 25.00 22.48
C ASP B 196 -7.01 24.19 21.20
N ASP B 197 -7.77 23.10 21.05
CA ASP B 197 -7.69 22.33 19.81
C ASP B 197 -7.93 23.32 18.67
N LEU B 198 -8.94 24.17 18.84
CA LEU B 198 -9.29 25.14 17.82
C LEU B 198 -8.23 26.22 17.57
N GLU B 199 -7.57 26.71 18.62
CA GLU B 199 -6.54 27.71 18.41
C GLU B 199 -5.40 27.08 17.63
N SER B 200 -5.06 25.86 17.98
CA SER B 200 -3.99 25.14 17.29
C SER B 200 -4.33 25.08 15.80
N LEU B 201 -5.55 24.71 15.46
CA LEU B 201 -5.92 24.63 14.05
C LEU B 201 -5.72 26.00 13.41
N GLY B 202 -5.98 27.07 14.17
CA GLY B 202 -5.77 28.40 13.65
C GLY B 202 -4.33 28.62 13.20
N TYR B 203 -3.36 28.16 13.98
CA TYR B 203 -1.96 28.32 13.61
C TYR B 203 -1.64 27.40 12.43
N VAL B 204 -2.26 26.24 12.37
CA VAL B 204 -2.02 25.32 11.27
C VAL B 204 -2.42 26.01 9.97
N LEU B 205 -3.59 26.65 9.98
CA LEU B 205 -4.06 27.33 8.79
C LEU B 205 -3.07 28.41 8.37
N MET B 206 -2.63 29.24 9.31
CA MET B 206 -1.69 30.30 8.95
C MET B 206 -0.37 29.68 8.44
N TYR B 207 0.03 28.57 9.02
CA TYR B 207 1.22 27.85 8.60
C TYR B 207 1.04 27.57 7.10
N PHE B 208 -0.07 26.94 6.75
CA PHE B 208 -0.35 26.63 5.35
C PHE B 208 -0.31 27.88 4.49
N ASN B 209 -0.85 28.99 4.98
CA ASN B 209 -0.83 30.24 4.21
C ASN B 209 0.56 30.81 4.00
N LEU B 210 1.33 30.91 5.08
CA LEU B 210 2.67 31.49 5.02
C LEU B 210 3.76 30.62 4.42
N GLY B 211 3.72 29.33 4.72
CA GLY B 211 4.73 28.41 4.25
C GLY B 211 5.61 28.12 5.43
N SER B 212 5.32 28.82 6.54
CA SER B 212 6.05 28.67 7.77
C SER B 212 5.45 29.61 8.82
N LEU B 213 5.88 29.49 10.07
CA LEU B 213 5.37 30.36 11.13
C LEU B 213 6.53 31.23 11.62
N PRO B 214 6.24 32.46 12.07
CA PRO B 214 7.31 33.34 12.55
C PRO B 214 8.15 32.83 13.73
N TRP B 215 7.62 31.89 14.52
CA TRP B 215 8.36 31.38 15.67
C TRP B 215 9.04 30.05 15.37
N GLN B 216 9.06 29.67 14.10
CA GLN B 216 9.68 28.42 13.70
C GLN B 216 11.23 28.48 13.66
N GLY B 217 11.86 27.31 13.68
CA GLY B 217 13.31 27.24 13.59
C GLY B 217 14.15 27.71 14.78
N LEU B 218 13.54 27.82 15.95
CA LEU B 218 14.25 28.26 17.14
C LEU B 218 14.91 27.08 17.85
N LYS B 219 16.16 26.81 17.50
CA LYS B 219 16.90 25.72 18.09
C LYS B 219 16.81 25.80 19.62
N ALA B 220 16.74 24.63 20.27
CA ALA B 220 16.64 24.55 21.73
C ALA B 220 17.19 23.23 22.23
N ALA B 221 17.73 23.20 23.44
CA ALA B 221 18.27 21.95 23.97
C ALA B 221 17.19 21.17 24.65
N THR B 222 16.20 21.87 25.18
CA THR B 222 15.12 21.13 25.87
C THR B 222 13.70 21.47 25.32
N LYS B 223 12.69 20.62 25.52
CA LYS B 223 11.35 20.91 24.99
C LYS B 223 10.79 22.11 25.73
N ARG B 224 11.11 22.22 27.02
CA ARG B 224 10.60 23.36 27.79
C ARG B 224 11.23 24.61 27.19
N GLN B 225 12.51 24.52 26.84
CA GLN B 225 13.17 25.65 26.23
C GLN B 225 12.53 25.96 24.88
N LYS B 226 12.18 24.91 24.14
CA LYS B 226 11.53 25.10 22.86
C LYS B 226 10.20 25.82 23.07
N TYR B 227 9.40 25.36 24.03
CA TYR B 227 8.13 26.01 24.34
C TYR B 227 8.31 27.45 24.77
N GLU B 228 9.31 27.70 25.60
CA GLU B 228 9.54 29.06 26.05
C GLU B 228 9.97 30.00 24.93
N ARG B 229 10.92 29.60 24.09
CA ARG B 229 11.32 30.49 23.02
C ARG B 229 10.13 30.78 22.08
N ILE B 230 9.38 29.74 21.76
CA ILE B 230 8.23 29.90 20.88
C ILE B 230 7.17 30.78 21.54
N SER B 231 7.00 30.57 22.84
CA SER B 231 6.03 31.36 23.63
C SER B 231 6.26 32.86 23.56
N GLU B 232 7.51 33.28 23.67
CA GLU B 232 7.81 34.71 23.63
C GLU B 232 7.56 35.33 22.25
N LYS B 233 7.88 34.59 21.20
CA LYS B 233 7.67 35.09 19.85
C LYS B 233 6.18 35.04 19.52
N LYS B 234 5.52 33.99 19.99
CA LYS B 234 4.10 33.80 19.75
C LYS B 234 3.33 34.88 20.50
N MET B 235 3.78 35.21 21.71
CA MET B 235 3.09 36.23 22.48
C MET B 235 3.47 37.64 22.08
N SER B 236 4.64 37.79 21.44
CA SER B 236 5.10 39.11 21.03
C SER B 236 4.59 39.47 19.65
N THR B 237 3.92 38.51 19.00
CA THR B 237 3.36 38.70 17.67
C THR B 237 1.84 38.88 17.71
N PRO B 238 1.36 40.12 17.55
CA PRO B 238 -0.10 40.31 17.59
C PRO B 238 -0.76 39.53 16.45
N ILE B 239 -1.93 38.94 16.70
CA ILE B 239 -2.61 38.18 15.65
C ILE B 239 -2.72 38.94 14.33
N GLU B 240 -2.94 40.25 14.40
CA GLU B 240 -3.04 41.03 13.16
C GLU B 240 -1.68 41.13 12.45
N VAL B 241 -0.58 41.05 13.18
CA VAL B 241 0.73 41.09 12.53
C VAL B 241 0.97 39.73 11.87
N LEU B 242 0.64 38.67 12.59
CA LEU B 242 0.81 37.31 12.09
C LEU B 242 0.04 37.05 10.78
N CYS B 243 -1.20 37.52 10.73
CA CYS B 243 -2.05 37.29 9.56
C CYS B 243 -2.01 38.38 8.51
N LYS B 244 -1.00 39.25 8.62
CA LYS B 244 -0.81 40.34 7.69
C LYS B 244 -0.75 39.83 6.26
N GLY B 245 -1.54 40.45 5.38
CA GLY B 245 -1.52 40.04 3.98
C GLY B 245 -2.40 38.85 3.61
N TYR B 246 -3.26 38.43 4.53
CA TYR B 246 -4.15 37.30 4.26
C TYR B 246 -5.58 37.70 4.65
N PRO B 247 -6.58 37.03 4.06
CA PRO B 247 -7.98 37.39 4.38
C PRO B 247 -8.18 37.51 5.90
N SER B 248 -8.94 38.53 6.31
CA SER B 248 -9.19 38.79 7.72
C SER B 248 -9.80 37.61 8.50
N GLU B 249 -10.53 36.75 7.80
CA GLU B 249 -11.14 35.60 8.43
C GLU B 249 -10.13 34.80 9.26
N PHE B 250 -8.89 34.71 8.80
CA PHE B 250 -7.90 33.96 9.55
C PHE B 250 -7.64 34.61 10.91
N ALA B 251 -7.50 35.94 10.93
CA ALA B 251 -7.29 36.65 12.18
C ALA B 251 -8.56 36.61 13.03
N THR B 252 -9.73 36.69 12.38
CA THR B 252 -11.00 36.66 13.11
C THR B 252 -11.16 35.30 13.79
N TYR B 253 -10.81 34.23 13.07
CA TYR B 253 -10.88 32.89 13.62
C TYR B 253 -9.97 32.81 14.86
N LEU B 254 -8.72 33.22 14.71
CA LEU B 254 -7.79 33.16 15.84
C LEU B 254 -8.23 33.98 17.05
N ASN B 255 -8.73 35.20 16.83
CA ASN B 255 -9.18 35.99 17.97
C ASN B 255 -10.40 35.38 18.64
N PHE B 256 -11.26 34.74 17.85
CA PHE B 256 -12.44 34.10 18.40
C PHE B 256 -12.00 32.99 19.35
N CYS B 257 -11.05 32.18 18.91
CA CYS B 257 -10.56 31.07 19.72
C CYS B 257 -9.85 31.55 20.99
N ARG B 258 -9.16 32.68 20.89
CA ARG B 258 -8.46 33.24 22.05
C ARG B 258 -9.50 33.81 23.03
N SER B 259 -10.68 34.10 22.50
CA SER B 259 -11.81 34.65 23.27
C SER B 259 -12.56 33.67 24.17
N LEU B 260 -12.66 32.42 23.71
CA LEU B 260 -13.39 31.39 24.45
C LEU B 260 -12.96 31.18 25.90
N ARG B 261 -13.95 30.92 26.75
CA ARG B 261 -13.66 30.68 28.15
C ARG B 261 -13.29 29.20 28.22
N PHE B 262 -12.58 28.83 29.28
CA PHE B 262 -12.13 27.47 29.47
C PHE B 262 -13.16 26.38 29.17
N ASP B 263 -14.38 26.51 29.71
CA ASP B 263 -15.42 25.49 29.48
C ASP B 263 -16.47 25.86 28.43
N ASP B 264 -16.20 26.92 27.70
CA ASP B 264 -17.07 27.43 26.66
C ASP B 264 -17.25 26.35 25.54
N LYS B 265 -18.45 26.23 24.96
CA LYS B 265 -18.65 25.30 23.84
C LYS B 265 -18.43 26.16 22.60
N PRO B 266 -17.39 25.85 21.82
CA PRO B 266 -17.13 26.66 20.62
C PRO B 266 -18.31 26.72 19.66
N ASP B 267 -18.41 27.83 18.93
CA ASP B 267 -19.48 27.99 17.94
C ASP B 267 -18.85 27.47 16.64
N TYR B 268 -18.79 26.15 16.51
CA TYR B 268 -18.20 25.53 15.33
C TYR B 268 -18.81 26.02 14.02
N SER B 269 -20.14 26.14 13.99
CA SER B 269 -20.81 26.59 12.77
C SER B 269 -20.40 28.00 12.39
N TYR B 270 -20.29 28.87 13.39
CA TYR B 270 -19.88 30.25 13.13
C TYR B 270 -18.53 30.23 12.42
N LEU B 271 -17.61 29.44 12.96
CA LEU B 271 -16.26 29.33 12.41
C LEU B 271 -16.25 28.77 11.00
N ARG B 272 -17.00 27.69 10.76
CA ARG B 272 -17.05 27.11 9.42
C ARG B 272 -17.65 28.10 8.43
N GLN B 273 -18.73 28.74 8.82
CA GLN B 273 -19.36 29.71 7.91
C GLN B 273 -18.44 30.88 7.62
N LEU B 274 -17.57 31.21 8.57
CA LEU B 274 -16.63 32.29 8.38
C LEU B 274 -15.78 32.00 7.14
N PHE B 275 -15.27 30.78 7.07
CA PHE B 275 -14.43 30.37 5.94
C PHE B 275 -15.24 30.11 4.66
N ARG B 276 -16.38 29.45 4.79
CA ARG B 276 -17.23 29.16 3.64
C ARG B 276 -17.71 30.45 2.94
N ASN B 277 -18.06 31.46 3.73
CA ASN B 277 -18.50 32.73 3.16
C ASN B 277 -17.36 33.32 2.32
N LEU B 278 -16.15 33.28 2.86
CA LEU B 278 -14.97 33.79 2.15
C LEU B 278 -14.76 32.95 0.89
N PHE B 279 -14.80 31.63 1.04
CA PHE B 279 -14.62 30.68 -0.05
C PHE B 279 -15.55 31.09 -1.19
N HIS B 280 -16.79 31.40 -0.87
CA HIS B 280 -17.74 31.79 -1.90
C HIS B 280 -17.43 33.16 -2.49
N ARG B 281 -17.14 34.15 -1.66
CA ARG B 281 -16.85 35.47 -2.19
C ARG B 281 -15.65 35.48 -3.15
N GLN B 282 -14.69 34.58 -2.95
CA GLN B 282 -13.51 34.50 -3.82
C GLN B 282 -13.91 33.84 -5.14
N GLY B 283 -15.13 33.30 -5.18
CA GLY B 283 -15.61 32.64 -6.39
C GLY B 283 -15.12 31.21 -6.60
N PHE B 284 -14.74 30.52 -5.53
CA PHE B 284 -14.27 29.14 -5.64
C PHE B 284 -15.43 28.13 -5.66
N SER B 285 -15.23 26.98 -6.30
CA SER B 285 -16.27 25.96 -6.34
C SER B 285 -15.90 24.82 -5.40
N TYR B 286 -16.88 24.33 -4.63
CA TYR B 286 -16.64 23.20 -3.72
C TYR B 286 -16.68 21.93 -4.56
N ASP B 287 -15.56 21.62 -5.20
CA ASP B 287 -15.46 20.43 -6.05
C ASP B 287 -14.38 19.48 -5.53
N TYR B 288 -13.90 19.73 -4.32
CA TYR B 288 -12.83 18.93 -3.72
C TYR B 288 -11.62 18.75 -4.62
N VAL B 289 -11.21 19.83 -5.27
CA VAL B 289 -10.03 19.76 -6.11
C VAL B 289 -8.92 20.48 -5.38
N PHE B 290 -8.18 19.73 -4.58
CA PHE B 290 -7.07 20.30 -3.82
C PHE B 290 -5.91 20.53 -4.77
N ASP B 291 -4.93 21.31 -4.34
CA ASP B 291 -3.79 21.58 -5.21
C ASP B 291 -3.14 20.30 -5.77
N TRP B 292 -2.85 19.33 -4.90
CA TRP B 292 -2.21 18.09 -5.36
C TRP B 292 -3.04 17.29 -6.37
N ASN B 293 -4.37 17.51 -6.37
CA ASN B 293 -5.24 16.80 -7.32
C ASN B 293 -5.06 17.35 -8.72
N MET B 294 -4.44 18.53 -8.81
CA MET B 294 -4.19 19.22 -10.08
C MET B 294 -2.86 18.88 -10.73
N LEU B 295 -2.13 17.90 -10.20
CA LEU B 295 -0.84 17.57 -10.79
C LEU B 295 -0.96 16.71 -12.03
N LYS B 296 -0.40 17.22 -13.13
CA LYS B 296 -0.45 16.57 -14.45
C LYS B 296 0.29 15.22 -14.63
C7 0CK C . 6.31 -6.26 -8.53
N2 0CK C . 7.07 -7.27 -8.01
C8 0CK C . 8.02 -7.53 -8.95
N3 0CK C . 8.00 -6.79 -10.06
C9 0CK C . 6.94 -5.94 -9.87
C10 0CK C . 3.94 -5.14 -8.62
C11 0CK C . 2.78 -4.67 -7.95
N4 0CK C . 2.71 -4.71 -6.59
C12 0CK C . 3.75 -5.21 -5.83
N5 0CK C . 4.90 -5.68 -6.43
C13 0CK C . 5.06 -5.68 -7.86
N1 0CK C . 3.60 -5.29 -4.46
C14 0CK C . 7.33 -9.43 -6.77
C15 0CK C . 6.96 -7.94 -6.74
C16 0CK C . 7.78 -7.18 -5.69
C17 0CK C . 7.71 -7.80 -4.31
C18 0CK C . 8.06 -9.31 -4.34
C19 0CK C . 7.30 -10.10 -5.42
C1 0CK C . 6.14 -2.38 -11.18
C2 0CK C . 5.99 -2.63 -12.57
C3 0CK C . 6.13 -3.98 -13.16
C4 0CK C . 6.46 -5.09 -12.29
C5 0CK C . 6.62 -4.85 -10.87
C6 0CK C . 6.46 -3.50 -10.32
F1 0CK C . 5.70 -1.57 -13.32
C7 0CK D . -0.27 6.76 10.69
N2 0CK D . 0.66 7.79 10.63
C8 0CK D . 1.11 7.95 11.89
N3 0CK D . 0.60 7.12 12.80
C9 0CK D . -0.28 6.32 12.13
C10 0CK D . -2.43 5.66 9.62
C11 0CK D . -3.10 5.18 8.45
N4 0CK D . -2.47 5.25 7.23
C12 0CK D . -1.21 5.78 7.13
N5 0CK D . -0.51 6.26 8.22
C13 0CK D . -1.09 6.22 9.52
N1 0CK D . -0.64 5.88 5.90
C14 0CK D . 1.53 10.02 9.70
C15 0CK D . 1.18 8.55 9.51
C16 0CK D . 2.32 7.78 8.86
C17 0CK D . 2.83 8.42 7.59
C18 0CK D . 3.25 9.88 7.86
C19 0CK D . 2.11 10.71 8.48
C1 0CK D . -1.51 2.71 12.71
C2 0CK D . -2.31 2.85 13.90
C3 0CK D . -2.48 4.14 14.59
C4 0CK D . -1.81 5.33 14.04
C5 0CK D . -1.00 5.19 12.83
C6 0CK D . -0.86 3.88 12.19
F1 0CK D . -2.93 1.74 14.32
#